data_7RG1
#
_entry.id   7RG1
#
_cell.length_a   78.951
_cell.length_b   89.650
_cell.length_c   100.649
_cell.angle_alpha   90.000
_cell.angle_beta   90.000
_cell.angle_gamma   90.000
#
_symmetry.space_group_name_H-M   'P 21 21 21'
#
loop_
_entity.id
_entity.type
_entity.pdbx_description
1 polymer 'Importin subunit alpha-1'
2 polymer ORF4b
3 water water
#
loop_
_entity_poly.entity_id
_entity_poly.type
_entity_poly.pdbx_seq_one_letter_code
_entity_poly.pdbx_strand_id
1 'polypeptide(L)'
;MHHHHHHSSGLVPRGSGMLETAAALFERNHMDSPDLGTDDDDLAMADIGSNQGTVNWSVEDIVKGINSNNLESQLQATQA
ARKLLSREKQPPIDNIIRAGLIPKFVSFLGKTDCSPIQFESAWALTNIASGTSEQTKAVVDGGAIPAFISLLASPHAHIS
EQAVWALGNIAGDGSAFRDLVIKHGAIDPLLALLAVPDLSTLACGYLRNLTWTLSNLCRNKNPAPPLDAVEQILPTLVRL
LHHNDPEVLADSCWAISYLTDGPNERIEMVVKKGVVPQLVKLLGATELPIVTPALRAIGNIVTGTDEQTQKVIDAGALAV
FPSLLTNPKTNIQKEATWTMSNITAGRQDQIQQVVNHGLVPFLVGVLSKADFKTQKEAAWAITNYTSGGTVEQIVYLVHC
GIIEPLMNLLSAKDTKIIQVILDAISNIFQAAEKLGETEKLSIMIEECGGLDKIEALQRHENESVYKASLNLIEKYFSVE
EEEDQNVVPETTSEGFAFQVQDGAPGTFNF
;
A
2 'polypeptide(L)' RKARKRSASPTKKLRYVKRRF B
#
# COMPACT_ATOMS: atom_id res chain seq x y z
N GLY A 53 2.28 -36.87 23.49
CA GLY A 53 3.60 -37.04 22.95
C GLY A 53 4.44 -35.77 23.07
N THR A 54 4.20 -34.82 22.16
CA THR A 54 4.92 -33.56 22.15
C THR A 54 3.97 -32.38 22.34
N VAL A 55 2.85 -32.62 23.03
CA VAL A 55 1.81 -31.62 23.22
C VAL A 55 1.86 -31.11 24.65
N ASN A 56 1.81 -29.79 24.82
CA ASN A 56 1.74 -29.15 26.13
C ASN A 56 2.96 -29.47 26.97
N TRP A 57 4.14 -29.28 26.38
CA TRP A 57 5.38 -29.40 27.13
C TRP A 57 5.69 -28.09 27.85
N SER A 58 6.35 -28.21 29.00
CA SER A 58 6.92 -27.05 29.66
C SER A 58 8.19 -26.63 28.95
N VAL A 59 8.54 -25.35 29.08
CA VAL A 59 9.81 -24.88 28.55
C VAL A 59 10.96 -25.62 29.22
N GLU A 60 10.79 -25.99 30.50
CA GLU A 60 11.82 -26.76 31.19
C GLU A 60 12.04 -28.11 30.51
N ASP A 61 10.96 -28.80 30.17
CA ASP A 61 11.10 -30.09 29.49
C ASP A 61 11.70 -29.92 28.09
N ILE A 62 11.28 -28.88 27.37
CA ILE A 62 11.85 -28.61 26.06
C ILE A 62 13.36 -28.41 26.18
N VAL A 63 13.78 -27.62 27.18
CA VAL A 63 15.20 -27.35 27.37
C VAL A 63 15.95 -28.61 27.73
N LYS A 64 15.37 -29.45 28.60
CA LYS A 64 16.03 -30.70 28.95
C LYS A 64 16.21 -31.59 27.72
N GLY A 65 15.18 -31.66 26.87
CA GLY A 65 15.29 -32.49 25.68
C GLY A 65 16.31 -31.95 24.69
N ILE A 66 16.34 -30.62 24.50
CA ILE A 66 17.26 -30.03 23.54
C ILE A 66 18.69 -30.05 24.05
N ASN A 67 18.90 -30.04 25.37
CA ASN A 67 20.24 -30.09 25.94
C ASN A 67 20.83 -31.49 25.93
N SER A 68 20.00 -32.52 25.83
CA SER A 68 20.51 -33.87 25.68
C SER A 68 21.23 -33.99 24.33
N ASN A 69 22.28 -34.81 24.31
CA ASN A 69 23.01 -35.08 23.07
C ASN A 69 22.43 -36.28 22.30
N ASN A 70 21.11 -36.47 22.39
CA ASN A 70 20.39 -37.51 21.66
C ASN A 70 19.56 -36.80 20.60
N LEU A 71 19.96 -36.96 19.33
CA LEU A 71 19.32 -36.18 18.27
C LEU A 71 17.83 -36.44 18.19
N GLU A 72 17.37 -37.65 18.54
CA GLU A 72 15.94 -37.93 18.49
C GLU A 72 15.21 -37.25 19.64
N SER A 73 15.80 -37.25 20.84
CA SER A 73 15.23 -36.47 21.93
C SER A 73 15.20 -34.99 21.60
N GLN A 74 16.27 -34.49 20.97
CA GLN A 74 16.30 -33.11 20.54
C GLN A 74 15.19 -32.82 19.53
N LEU A 75 14.97 -33.73 18.59
CA LEU A 75 13.92 -33.55 17.60
C LEU A 75 12.55 -33.49 18.25
N GLN A 76 12.29 -34.40 19.21
CA GLN A 76 10.99 -34.40 19.86
C GLN A 76 10.79 -33.14 20.69
N ALA A 77 11.85 -32.67 21.37
CA ALA A 77 11.73 -31.43 22.13
C ALA A 77 11.54 -30.23 21.22
N THR A 78 12.19 -30.23 20.05
CA THR A 78 12.01 -29.13 19.11
C THR A 78 10.59 -29.12 18.54
N GLN A 79 10.04 -30.30 18.29
CA GLN A 79 8.65 -30.37 17.84
C GLN A 79 7.70 -29.88 18.93
N ALA A 80 8.00 -30.22 20.20
CA ALA A 80 7.19 -29.69 21.30
C ALA A 80 7.28 -28.17 21.35
N ALA A 81 8.47 -27.61 21.15
CA ALA A 81 8.62 -26.16 21.11
C ALA A 81 7.83 -25.55 19.96
N ARG A 82 7.86 -26.20 18.79
CA ARG A 82 7.09 -25.71 17.65
C ARG A 82 5.60 -25.70 17.98
N LYS A 83 5.10 -26.76 18.60
CA LYS A 83 3.69 -26.83 18.95
C LYS A 83 3.33 -25.77 19.99
N LEU A 84 4.24 -25.52 20.94
CA LEU A 84 3.99 -24.46 21.92
C LEU A 84 3.95 -23.10 21.26
N LEU A 85 4.84 -22.85 20.30
CA LEU A 85 4.89 -21.58 19.59
C LEU A 85 3.81 -21.45 18.52
N SER A 86 3.08 -22.50 18.23
CA SER A 86 2.00 -22.47 17.24
C SER A 86 0.63 -22.40 17.87
N ARG A 87 0.55 -22.13 19.18
CA ARG A 87 -0.74 -22.10 19.85
C ARG A 87 -1.42 -20.75 19.65
N GLU A 88 -2.76 -20.80 19.58
CA GLU A 88 -3.53 -19.63 19.18
C GLU A 88 -3.26 -18.44 20.10
N LYS A 89 -3.35 -18.65 21.41
CA LYS A 89 -3.29 -17.56 22.37
C LYS A 89 -1.93 -17.50 23.05
N GLN A 90 -1.33 -16.30 23.05
CA GLN A 90 -0.12 -15.99 23.79
C GLN A 90 0.92 -17.10 23.72
N PRO A 91 1.57 -17.30 22.57
CA PRO A 91 2.69 -18.24 22.51
C PRO A 91 3.84 -17.73 23.36
N PRO A 92 4.54 -18.61 24.09
CA PRO A 92 5.57 -18.16 25.04
C PRO A 92 6.90 -17.86 24.35
N ILE A 93 6.88 -16.89 23.43
CA ILE A 93 8.08 -16.57 22.68
C ILE A 93 9.18 -16.06 23.62
N ASP A 94 8.83 -15.18 24.55
CA ASP A 94 9.82 -14.61 25.45
C ASP A 94 10.44 -15.68 26.33
N ASN A 95 9.63 -16.63 26.81
CA ASN A 95 10.19 -17.71 27.63
C ASN A 95 11.16 -18.56 26.82
N ILE A 96 10.82 -18.84 25.56
CA ILE A 96 11.69 -19.63 24.70
C ILE A 96 13.01 -18.91 24.47
N ILE A 97 12.94 -17.60 24.22
CA ILE A 97 14.17 -16.81 24.02
C ILE A 97 15.01 -16.83 25.29
N ARG A 98 14.38 -16.56 26.44
CA ARG A 98 15.11 -16.51 27.69
C ARG A 98 15.75 -17.85 28.05
N ALA A 99 15.13 -18.95 27.62
CA ALA A 99 15.73 -20.27 27.82
C ALA A 99 16.97 -20.48 26.99
N GLY A 100 17.27 -19.58 26.05
CA GLY A 100 18.46 -19.70 25.24
C GLY A 100 18.36 -20.70 24.11
N LEU A 101 17.16 -20.93 23.58
CA LEU A 101 16.95 -21.99 22.60
C LEU A 101 17.21 -21.55 21.17
N ILE A 102 17.26 -20.25 20.88
CA ILE A 102 17.45 -19.79 19.50
C ILE A 102 18.75 -20.31 18.91
N PRO A 103 19.90 -20.25 19.59
CA PRO A 103 21.12 -20.83 19.00
C PRO A 103 20.98 -22.31 18.68
N LYS A 104 20.30 -23.07 19.54
CA LYS A 104 20.10 -24.49 19.28
C LYS A 104 19.27 -24.71 18.03
N PHE A 105 18.17 -23.95 17.89
CA PHE A 105 17.35 -24.06 16.68
C PHE A 105 18.15 -23.70 15.44
N VAL A 106 18.94 -22.63 15.51
CA VAL A 106 19.73 -22.24 14.35
C VAL A 106 20.73 -23.34 14.00
N SER A 107 21.34 -23.96 15.00
CA SER A 107 22.25 -25.07 14.73
C SER A 107 21.50 -26.23 14.07
N PHE A 108 20.30 -26.53 14.56
CA PHE A 108 19.51 -27.61 13.96
C PHE A 108 19.16 -27.32 12.52
N LEU A 109 19.02 -26.04 12.16
CA LEU A 109 18.75 -25.70 10.77
C LEU A 109 19.76 -26.32 9.81
N GLY A 110 20.97 -26.61 10.29
CA GLY A 110 22.02 -27.17 9.48
C GLY A 110 22.15 -28.68 9.51
N LYS A 111 21.22 -29.39 10.15
CA LYS A 111 21.28 -30.84 10.24
C LYS A 111 20.71 -31.44 8.95
N THR A 112 21.52 -31.38 7.88
CA THR A 112 21.09 -31.95 6.62
C THR A 112 20.76 -33.43 6.75
N ASP A 113 21.42 -34.13 7.68
CA ASP A 113 21.15 -35.55 7.88
C ASP A 113 19.82 -35.81 8.56
N CYS A 114 19.20 -34.79 9.17
CA CYS A 114 17.93 -34.95 9.89
C CYS A 114 16.96 -33.85 9.42
N SER A 115 16.31 -34.11 8.29
CA SER A 115 15.38 -33.12 7.75
C SER A 115 14.24 -32.78 8.69
N PRO A 116 13.69 -33.72 9.48
CA PRO A 116 12.60 -33.34 10.39
C PRO A 116 13.00 -32.26 11.39
N ILE A 117 14.21 -32.33 11.95
CA ILE A 117 14.61 -31.32 12.91
C ILE A 117 14.85 -29.99 12.22
N GLN A 118 15.37 -30.02 10.98
CA GLN A 118 15.44 -28.80 10.19
C GLN A 118 14.07 -28.15 10.06
N PHE A 119 13.06 -28.94 9.70
CA PHE A 119 11.72 -28.39 9.52
C PHE A 119 11.16 -27.85 10.83
N GLU A 120 11.31 -28.62 11.91
CA GLU A 120 10.74 -28.19 13.19
C GLU A 120 11.41 -26.91 13.69
N SER A 121 12.74 -26.85 13.62
CA SER A 121 13.44 -25.65 14.05
C SER A 121 13.11 -24.46 13.16
N ALA A 122 12.95 -24.69 11.85
CA ALA A 122 12.58 -23.60 10.96
C ALA A 122 11.20 -23.06 11.31
N TRP A 123 10.25 -23.95 11.61
CA TRP A 123 8.91 -23.52 12.01
C TRP A 123 8.96 -22.73 13.31
N ALA A 124 9.68 -23.24 14.31
CA ALA A 124 9.80 -22.56 15.59
C ALA A 124 10.40 -21.17 15.41
N LEU A 125 11.48 -21.08 14.63
CA LEU A 125 12.13 -19.79 14.44
C LEU A 125 11.26 -18.83 13.62
N THR A 126 10.51 -19.37 12.65
CA THR A 126 9.55 -18.54 11.92
C THR A 126 8.57 -17.89 12.89
N ASN A 127 8.04 -18.68 13.83
CA ASN A 127 7.04 -18.13 14.74
C ASN A 127 7.66 -17.16 15.74
N ILE A 128 8.89 -17.42 16.19
CA ILE A 128 9.56 -16.43 17.03
C ILE A 128 9.75 -15.13 16.27
N ALA A 129 10.17 -15.22 15.01
CA ALA A 129 10.40 -14.04 14.18
C ALA A 129 9.11 -13.31 13.82
N SER A 130 7.95 -13.94 14.02
CA SER A 130 6.68 -13.29 13.74
C SER A 130 6.25 -12.33 14.84
N GLY A 131 6.98 -12.27 15.94
CA GLY A 131 6.57 -11.45 17.07
C GLY A 131 7.07 -10.02 16.99
N THR A 132 7.51 -9.48 18.13
CA THR A 132 7.95 -8.09 18.18
C THR A 132 9.26 -7.92 17.41
N SER A 133 9.64 -6.65 17.22
CA SER A 133 10.93 -6.37 16.59
C SER A 133 12.08 -6.93 17.41
N GLU A 134 11.97 -6.93 18.74
CA GLU A 134 13.04 -7.49 19.57
C GLU A 134 13.15 -8.99 19.38
N GLN A 135 12.03 -9.68 19.19
CA GLN A 135 12.08 -11.14 19.01
C GLN A 135 12.61 -11.51 17.64
N THR A 136 12.19 -10.78 16.59
CA THR A 136 12.79 -10.95 15.28
C THR A 136 14.29 -10.69 15.35
N LYS A 137 14.70 -9.65 16.08
CA LYS A 137 16.11 -9.37 16.25
C LYS A 137 16.82 -10.50 16.96
N ALA A 138 16.15 -11.13 17.93
CA ALA A 138 16.76 -12.28 18.60
C ALA A 138 17.02 -13.40 17.61
N VAL A 139 16.07 -13.64 16.70
CA VAL A 139 16.27 -14.66 15.67
C VAL A 139 17.45 -14.28 14.78
N VAL A 140 17.51 -13.02 14.36
CA VAL A 140 18.58 -12.59 13.46
C VAL A 140 19.94 -12.69 14.15
N ASP A 141 20.01 -12.31 15.43
CA ASP A 141 21.26 -12.34 16.16
C ASP A 141 21.80 -13.76 16.34
N GLY A 142 20.94 -14.76 16.27
CA GLY A 142 21.38 -16.15 16.33
C GLY A 142 22.02 -16.65 15.06
N GLY A 143 22.08 -15.83 14.01
CA GLY A 143 22.64 -16.25 12.75
C GLY A 143 21.69 -16.97 11.83
N ALA A 144 20.39 -16.71 11.95
CA ALA A 144 19.39 -17.49 11.22
C ALA A 144 19.30 -17.11 9.74
N ILE A 145 19.69 -15.90 9.36
CA ILE A 145 19.50 -15.44 7.99
C ILE A 145 20.26 -16.35 7.02
N PRO A 146 21.57 -16.54 7.18
CA PRO A 146 22.29 -17.41 6.24
C PRO A 146 21.85 -18.86 6.30
N ALA A 147 21.46 -19.36 7.47
CA ALA A 147 20.98 -20.74 7.56
C ALA A 147 19.69 -20.91 6.77
N PHE A 148 18.76 -19.96 6.88
CA PHE A 148 17.52 -20.04 6.11
C PHE A 148 17.79 -19.90 4.62
N ILE A 149 18.72 -19.01 4.24
CA ILE A 149 19.06 -18.89 2.83
C ILE A 149 19.62 -20.20 2.30
N SER A 150 20.45 -20.87 3.10
CA SER A 150 20.98 -22.17 2.69
C SER A 150 19.86 -23.19 2.56
N LEU A 151 18.86 -23.12 3.44
CA LEU A 151 17.75 -24.06 3.37
C LEU A 151 16.82 -23.79 2.18
N LEU A 152 16.87 -22.58 1.62
CA LEU A 152 16.04 -22.30 0.45
C LEU A 152 16.25 -23.33 -0.66
N ALA A 153 17.46 -23.89 -0.78
CA ALA A 153 17.77 -24.88 -1.80
C ALA A 153 17.60 -26.31 -1.31
N SER A 154 16.80 -26.52 -0.26
CA SER A 154 16.61 -27.87 0.26
C SER A 154 15.80 -28.71 -0.73
N PRO A 155 16.12 -30.00 -0.85
CA PRO A 155 15.30 -30.88 -1.71
C PRO A 155 13.92 -31.16 -1.13
N HIS A 156 13.68 -30.82 0.13
CA HIS A 156 12.39 -31.03 0.76
C HIS A 156 11.57 -29.76 0.64
N ALA A 157 10.44 -29.83 -0.07
CA ALA A 157 9.68 -28.63 -0.40
C ALA A 157 9.14 -27.95 0.85
N HIS A 158 8.74 -28.72 1.86
CA HIS A 158 8.19 -28.09 3.05
C HIS A 158 9.25 -27.31 3.81
N ILE A 159 10.50 -27.80 3.81
CA ILE A 159 11.58 -27.07 4.46
C ILE A 159 11.90 -25.78 3.71
N SER A 160 11.98 -25.85 2.38
CA SER A 160 12.21 -24.65 1.59
C SER A 160 11.11 -23.63 1.81
N GLU A 161 9.85 -24.08 1.85
CA GLU A 161 8.75 -23.17 2.11
C GLU A 161 8.86 -22.53 3.48
N GLN A 162 9.24 -23.30 4.50
CA GLN A 162 9.37 -22.72 5.83
C GLN A 162 10.49 -21.69 5.85
N ALA A 163 11.58 -21.94 5.12
CA ALA A 163 12.66 -20.95 5.05
C ALA A 163 12.19 -19.67 4.36
N VAL A 164 11.44 -19.82 3.27
CA VAL A 164 10.85 -18.66 2.61
C VAL A 164 10.03 -17.85 3.61
N TRP A 165 9.18 -18.53 4.39
CA TRP A 165 8.31 -17.87 5.36
C TRP A 165 9.14 -17.12 6.41
N ALA A 166 10.17 -17.78 6.94
CA ALA A 166 10.99 -17.15 7.97
C ALA A 166 11.68 -15.90 7.44
N LEU A 167 12.27 -16.00 6.25
CA LEU A 167 12.92 -14.83 5.65
C LEU A 167 11.91 -13.74 5.38
N GLY A 168 10.67 -14.11 5.04
CA GLY A 168 9.63 -13.11 4.88
C GLY A 168 9.36 -12.34 6.16
N ASN A 169 9.25 -13.06 7.28
CA ASN A 169 9.06 -12.38 8.57
C ASN A 169 10.23 -11.45 8.87
N ILE A 170 11.45 -11.96 8.71
CA ILE A 170 12.64 -11.17 9.03
C ILE A 170 12.65 -9.89 8.20
N ALA A 171 12.45 -10.02 6.88
CA ALA A 171 12.45 -8.85 6.02
C ALA A 171 11.27 -7.92 6.33
N GLY A 172 10.14 -8.48 6.77
CA GLY A 172 8.99 -7.67 7.10
C GLY A 172 9.15 -6.87 8.36
N ASP A 173 10.13 -7.21 9.19
CA ASP A 173 10.40 -6.38 10.36
C ASP A 173 10.63 -4.92 9.98
N GLY A 174 11.39 -4.67 8.92
CA GLY A 174 11.70 -3.30 8.55
C GLY A 174 12.78 -3.23 7.49
N SER A 175 13.16 -2.00 7.17
CA SER A 175 14.09 -1.80 6.06
C SER A 175 15.49 -2.30 6.40
N ALA A 176 15.90 -2.20 7.66
CA ALA A 176 17.24 -2.67 8.03
C ALA A 176 17.38 -4.17 7.81
N PHE A 177 16.48 -4.96 8.40
CA PHE A 177 16.55 -6.41 8.23
C PHE A 177 16.21 -6.81 6.80
N ARG A 178 15.34 -6.06 6.12
CA ARG A 178 15.11 -6.29 4.69
C ARG A 178 16.42 -6.23 3.92
N ASP A 179 17.14 -5.11 4.07
CA ASP A 179 18.40 -4.95 3.34
C ASP A 179 19.45 -5.94 3.80
N LEU A 180 19.41 -6.37 5.06
CA LEU A 180 20.37 -7.36 5.53
C LEU A 180 20.08 -8.73 4.91
N VAL A 181 18.80 -9.10 4.81
CA VAL A 181 18.44 -10.33 4.10
C VAL A 181 18.91 -10.26 2.66
N ILE A 182 18.76 -9.08 2.03
CA ILE A 182 19.23 -8.92 0.65
C ILE A 182 20.74 -9.09 0.57
N LYS A 183 21.48 -8.49 1.51
CA LYS A 183 22.93 -8.56 1.48
C LYS A 183 23.43 -9.99 1.66
N HIS A 184 22.71 -10.82 2.41
CA HIS A 184 23.10 -12.22 2.57
C HIS A 184 22.82 -13.04 1.32
N GLY A 185 22.16 -12.48 0.31
CA GLY A 185 22.00 -13.13 -0.97
C GLY A 185 20.75 -13.98 -1.12
N ALA A 186 19.63 -13.51 -0.58
CA ALA A 186 18.41 -14.32 -0.62
C ALA A 186 17.67 -14.22 -1.95
N ILE A 187 17.85 -13.13 -2.68
CA ILE A 187 17.02 -12.88 -3.86
C ILE A 187 17.27 -13.93 -4.93
N ASP A 188 18.54 -14.27 -5.18
CA ASP A 188 18.82 -15.26 -6.22
C ASP A 188 18.15 -16.59 -5.95
N PRO A 189 18.34 -17.25 -4.80
CA PRO A 189 17.64 -18.52 -4.57
C PRO A 189 16.12 -18.37 -4.52
N LEU A 190 15.61 -17.28 -3.93
CA LEU A 190 14.17 -17.08 -3.91
C LEU A 190 13.61 -17.07 -5.33
N LEU A 191 14.24 -16.31 -6.23
CA LEU A 191 13.76 -16.22 -7.61
C LEU A 191 13.98 -17.53 -8.35
N ALA A 192 15.07 -18.24 -8.04
CA ALA A 192 15.29 -19.54 -8.65
C ALA A 192 14.16 -20.50 -8.32
N LEU A 193 13.59 -20.38 -7.12
CA LEU A 193 12.45 -21.21 -6.78
C LEU A 193 11.25 -20.95 -7.69
N LEU A 194 11.19 -19.78 -8.32
CA LEU A 194 10.07 -19.41 -9.19
C LEU A 194 10.41 -19.51 -10.67
N ALA A 195 11.63 -19.92 -11.02
CA ALA A 195 12.04 -20.01 -12.42
C ALA A 195 11.53 -21.32 -12.99
N VAL A 196 10.23 -21.34 -13.27
CA VAL A 196 9.56 -22.50 -13.84
C VAL A 196 8.78 -22.07 -15.08
N PRO A 197 8.55 -22.97 -16.03
CA PRO A 197 7.82 -22.57 -17.24
C PRO A 197 6.39 -22.13 -16.96
N ASP A 198 5.71 -22.76 -15.99
CA ASP A 198 4.33 -22.43 -15.68
C ASP A 198 4.15 -22.42 -14.17
N LEU A 199 3.84 -21.24 -13.61
CA LEU A 199 3.65 -21.12 -12.17
C LEU A 199 2.59 -22.08 -11.64
N SER A 200 1.66 -22.51 -12.48
CA SER A 200 0.59 -23.38 -12.03
C SER A 200 1.07 -24.76 -11.62
N THR A 201 2.31 -25.13 -11.96
CA THR A 201 2.85 -26.41 -11.52
C THR A 201 3.24 -26.40 -10.05
N LEU A 202 3.45 -25.22 -9.47
CA LEU A 202 3.87 -25.13 -8.08
C LEU A 202 2.67 -25.23 -7.15
N ALA A 203 2.93 -25.70 -5.93
CA ALA A 203 1.88 -25.80 -4.92
C ALA A 203 1.36 -24.40 -4.60
N CYS A 204 0.05 -24.30 -4.40
CA CYS A 204 -0.59 -23.00 -4.21
C CYS A 204 -0.02 -22.28 -2.99
N GLY A 205 0.04 -22.97 -1.84
CA GLY A 205 0.56 -22.33 -0.64
C GLY A 205 2.01 -21.93 -0.79
N TYR A 206 2.81 -22.79 -1.43
CA TYR A 206 4.21 -22.48 -1.70
C TYR A 206 4.34 -21.18 -2.49
N LEU A 207 3.57 -21.08 -3.58
CA LEU A 207 3.63 -19.90 -4.42
C LEU A 207 3.16 -18.66 -3.68
N ARG A 208 2.10 -18.79 -2.87
CA ARG A 208 1.62 -17.66 -2.09
C ARG A 208 2.68 -17.17 -1.11
N ASN A 209 3.35 -18.10 -0.42
CA ASN A 209 4.38 -17.71 0.52
C ASN A 209 5.55 -17.03 -0.17
N LEU A 210 5.97 -17.56 -1.32
CA LEU A 210 7.03 -16.92 -2.09
C LEU A 210 6.64 -15.50 -2.50
N THR A 211 5.40 -15.34 -2.99
CA THR A 211 4.95 -14.01 -3.41
C THR A 211 4.93 -13.04 -2.23
N TRP A 212 4.46 -13.50 -1.07
CA TRP A 212 4.41 -12.62 0.10
C TRP A 212 5.81 -12.21 0.56
N THR A 213 6.75 -13.17 0.57
CA THR A 213 8.11 -12.84 0.97
C THR A 213 8.74 -11.85 0.00
N LEU A 214 8.55 -12.07 -1.31
CA LEU A 214 9.05 -11.11 -2.29
C LEU A 214 8.44 -9.74 -2.06
N SER A 215 7.14 -9.69 -1.75
CA SER A 215 6.50 -8.40 -1.49
C SER A 215 7.14 -7.71 -0.30
N ASN A 216 7.48 -8.47 0.74
CA ASN A 216 8.16 -7.87 1.88
C ASN A 216 9.56 -7.39 1.52
N LEU A 217 10.21 -8.02 0.53
CA LEU A 217 11.49 -7.51 0.07
C LEU A 217 11.34 -6.22 -0.72
N CYS A 218 10.14 -5.90 -1.21
CA CYS A 218 9.87 -4.66 -1.91
C CYS A 218 9.32 -3.57 -0.98
N ARG A 219 9.06 -3.90 0.27
CA ARG A 219 8.30 -3.05 1.18
C ARG A 219 9.22 -2.09 1.94
N ASN A 220 8.61 -0.99 2.40
CA ASN A 220 9.23 -0.01 3.31
C ASN A 220 10.11 0.99 2.57
N LYS A 221 10.21 2.19 3.12
CA LYS A 221 11.01 3.28 2.60
C LYS A 221 11.92 3.77 3.71
N ASN A 222 12.70 4.81 3.42
CA ASN A 222 13.62 5.41 4.38
C ASN A 222 14.53 4.33 4.99
N PRO A 223 15.32 3.63 4.16
CA PRO A 223 15.40 3.77 2.71
C PRO A 223 14.51 2.79 1.96
N ALA A 224 14.23 3.09 0.68
CA ALA A 224 13.58 2.14 -0.20
C ALA A 224 14.56 1.03 -0.55
N PRO A 225 14.07 -0.10 -1.07
CA PRO A 225 14.95 -1.23 -1.38
C PRO A 225 16.01 -0.83 -2.38
N PRO A 226 17.15 -1.52 -2.41
CA PRO A 226 18.21 -1.16 -3.36
C PRO A 226 17.73 -1.28 -4.80
N LEU A 227 18.18 -0.34 -5.64
CA LEU A 227 17.71 -0.31 -7.03
C LEU A 227 18.01 -1.63 -7.75
N ASP A 228 19.21 -2.18 -7.56
CA ASP A 228 19.56 -3.41 -8.25
C ASP A 228 18.67 -4.56 -7.79
N ALA A 229 18.31 -4.60 -6.51
CA ALA A 229 17.41 -5.64 -6.03
C ALA A 229 16.02 -5.48 -6.65
N VAL A 230 15.52 -4.24 -6.76
CA VAL A 230 14.23 -4.02 -7.39
C VAL A 230 14.26 -4.47 -8.85
N GLU A 231 15.34 -4.13 -9.57
CA GLU A 231 15.44 -4.56 -10.96
C GLU A 231 15.52 -6.08 -11.07
N GLN A 232 16.18 -6.72 -10.10
CA GLN A 232 16.28 -8.18 -10.11
C GLN A 232 14.91 -8.82 -9.85
N ILE A 233 14.10 -8.21 -8.99
CA ILE A 233 12.84 -8.82 -8.61
C ILE A 233 11.72 -8.52 -9.59
N LEU A 234 11.74 -7.36 -10.25
CA LEU A 234 10.57 -6.91 -11.00
C LEU A 234 10.10 -7.88 -12.07
N PRO A 235 10.97 -8.51 -12.88
CA PRO A 235 10.45 -9.42 -13.92
C PRO A 235 9.58 -10.54 -13.36
N THR A 236 10.07 -11.21 -12.31
CA THR A 236 9.28 -12.25 -11.67
C THR A 236 8.00 -11.68 -11.07
N LEU A 237 8.06 -10.44 -10.58
CA LEU A 237 6.85 -9.82 -10.03
C LEU A 237 5.81 -9.58 -11.11
N VAL A 238 6.22 -9.18 -12.31
CA VAL A 238 5.25 -9.04 -13.41
C VAL A 238 4.66 -10.38 -13.76
N ARG A 239 5.51 -11.41 -13.87
CA ARG A 239 5.00 -12.75 -14.15
C ARG A 239 3.96 -13.17 -13.12
N LEU A 240 4.23 -12.92 -11.84
CA LEU A 240 3.25 -13.24 -10.80
C LEU A 240 1.99 -12.40 -10.93
N LEU A 241 2.15 -11.13 -11.33
CA LEU A 241 1.00 -10.26 -11.53
C LEU A 241 0.09 -10.78 -12.63
N HIS A 242 0.60 -11.66 -13.49
CA HIS A 242 -0.26 -12.32 -14.48
C HIS A 242 -0.76 -13.69 -14.04
N HIS A 243 -0.57 -14.07 -12.78
CA HIS A 243 -1.05 -15.35 -12.28
C HIS A 243 -2.55 -15.28 -12.00
N ASN A 244 -3.16 -16.44 -11.79
CA ASN A 244 -4.60 -16.55 -11.63
C ASN A 244 -5.05 -16.67 -10.17
N ASP A 245 -4.14 -16.87 -9.23
CA ASP A 245 -4.53 -17.06 -7.83
C ASP A 245 -4.84 -15.71 -7.19
N PRO A 246 -5.99 -15.54 -6.54
CA PRO A 246 -6.32 -14.23 -5.96
C PRO A 246 -5.31 -13.73 -4.94
N GLU A 247 -4.79 -14.61 -4.08
CA GLU A 247 -3.85 -14.15 -3.07
C GLU A 247 -2.51 -13.75 -3.68
N VAL A 248 -2.04 -14.53 -4.65
CA VAL A 248 -0.82 -14.16 -5.37
C VAL A 248 -1.00 -12.81 -6.06
N LEU A 249 -2.16 -12.61 -6.70
CA LEU A 249 -2.42 -11.34 -7.35
C LEU A 249 -2.43 -10.19 -6.35
N ALA A 250 -3.08 -10.40 -5.20
CA ALA A 250 -3.15 -9.35 -4.20
C ALA A 250 -1.76 -8.97 -3.70
N ASP A 251 -0.93 -9.97 -3.37
CA ASP A 251 0.39 -9.67 -2.86
C ASP A 251 1.30 -9.08 -3.93
N SER A 252 1.15 -9.50 -5.18
CA SER A 252 1.91 -8.88 -6.27
C SER A 252 1.53 -7.41 -6.44
N CYS A 253 0.23 -7.11 -6.36
CA CYS A 253 -0.20 -5.72 -6.44
C CYS A 253 0.33 -4.92 -5.25
N TRP A 254 0.34 -5.51 -4.05
CA TRP A 254 0.90 -4.81 -2.90
C TRP A 254 2.38 -4.52 -3.11
N ALA A 255 3.13 -5.48 -3.65
CA ALA A 255 4.53 -5.26 -3.95
C ALA A 255 4.71 -4.12 -4.93
N ILE A 256 3.92 -4.12 -6.00
CA ILE A 256 4.01 -3.04 -7.00
C ILE A 256 3.66 -1.70 -6.35
N SER A 257 2.69 -1.70 -5.44
CA SER A 257 2.30 -0.45 -4.77
C SER A 257 3.43 0.06 -3.89
N TYR A 258 4.16 -0.85 -3.24
CA TYR A 258 5.35 -0.44 -2.50
C TYR A 258 6.38 0.18 -3.44
N LEU A 259 6.65 -0.49 -4.56
CA LEU A 259 7.69 -0.04 -5.47
C LEU A 259 7.35 1.30 -6.13
N THR A 260 6.06 1.60 -6.30
CA THR A 260 5.63 2.85 -6.89
C THR A 260 5.44 3.95 -5.85
N ASP A 261 5.62 3.65 -4.57
CA ASP A 261 5.48 4.64 -3.50
C ASP A 261 6.83 5.33 -3.28
N GLY A 262 7.19 6.19 -4.24
CA GLY A 262 8.45 6.90 -4.17
C GLY A 262 8.61 7.92 -5.29
N PRO A 263 9.85 8.34 -5.52
CA PRO A 263 10.13 9.33 -6.57
C PRO A 263 9.72 8.80 -7.95
N ASN A 264 9.79 9.70 -8.93
CA ASN A 264 9.38 9.35 -10.29
C ASN A 264 10.26 8.29 -10.92
N GLU A 265 11.51 8.16 -10.47
CA GLU A 265 12.41 7.17 -11.07
C GLU A 265 11.99 5.75 -10.72
N ARG A 266 11.54 5.52 -9.49
CA ARG A 266 11.03 4.21 -9.11
C ARG A 266 9.76 3.89 -9.90
N ILE A 267 8.85 4.86 -9.98
CA ILE A 267 7.65 4.68 -10.78
C ILE A 267 8.01 4.33 -12.22
N GLU A 268 9.06 4.97 -12.75
CA GLU A 268 9.48 4.67 -14.11
C GLU A 268 10.01 3.25 -14.23
N MET A 269 10.83 2.83 -13.27
CA MET A 269 11.28 1.44 -13.25
C MET A 269 10.10 0.50 -13.37
N VAL A 270 9.02 0.79 -12.66
CA VAL A 270 7.86 -0.12 -12.69
C VAL A 270 7.12 0.00 -14.02
N VAL A 271 6.78 1.22 -14.43
CA VAL A 271 5.93 1.38 -15.59
C VAL A 271 6.62 0.98 -16.88
N LYS A 272 7.96 0.98 -16.91
CA LYS A 272 8.63 0.55 -18.14
C LYS A 272 8.54 -0.95 -18.35
N LYS A 273 8.11 -1.71 -17.35
CA LYS A 273 7.89 -3.14 -17.52
C LYS A 273 6.53 -3.45 -18.16
N GLY A 274 5.71 -2.43 -18.39
CA GLY A 274 4.43 -2.62 -19.04
C GLY A 274 3.31 -3.12 -18.15
N VAL A 275 3.39 -2.88 -16.83
CA VAL A 275 2.43 -3.45 -15.91
C VAL A 275 1.12 -2.66 -15.83
N VAL A 276 1.11 -1.40 -16.28
CA VAL A 276 -0.05 -0.55 -16.04
C VAL A 276 -1.33 -1.15 -16.59
N PRO A 277 -1.36 -1.68 -17.82
CA PRO A 277 -2.61 -2.30 -18.30
C PRO A 277 -3.10 -3.44 -17.43
N GLN A 278 -2.20 -4.30 -16.96
CA GLN A 278 -2.60 -5.38 -16.07
C GLN A 278 -3.10 -4.83 -14.75
N LEU A 279 -2.46 -3.76 -14.26
CA LEU A 279 -2.93 -3.12 -13.03
C LEU A 279 -4.36 -2.59 -13.21
N VAL A 280 -4.67 -2.04 -14.38
CA VAL A 280 -6.02 -1.54 -14.62
C VAL A 280 -7.02 -2.69 -14.69
N LYS A 281 -6.65 -3.77 -15.40
CA LYS A 281 -7.49 -4.96 -15.43
C LYS A 281 -7.81 -5.43 -14.02
N LEU A 282 -6.80 -5.48 -13.15
CA LEU A 282 -7.01 -5.90 -11.77
C LEU A 282 -7.80 -4.88 -10.99
N LEU A 283 -7.67 -3.59 -11.35
CA LEU A 283 -8.54 -2.57 -10.78
C LEU A 283 -10.00 -2.91 -11.02
N GLY A 284 -10.30 -3.52 -12.17
CA GLY A 284 -11.64 -3.96 -12.45
C GLY A 284 -12.07 -5.28 -11.86
N ALA A 285 -11.32 -5.84 -10.91
CA ALA A 285 -11.63 -7.16 -10.38
C ALA A 285 -12.76 -7.09 -9.34
N THR A 286 -13.34 -8.25 -9.06
CA THR A 286 -14.44 -8.34 -8.11
C THR A 286 -13.95 -8.49 -6.66
N GLU A 287 -12.77 -9.07 -6.45
CA GLU A 287 -12.26 -9.30 -5.11
C GLU A 287 -11.65 -8.02 -4.56
N LEU A 288 -12.21 -7.53 -3.45
CA LEU A 288 -11.68 -6.33 -2.81
C LEU A 288 -10.20 -6.47 -2.46
N PRO A 289 -9.70 -7.61 -1.97
CA PRO A 289 -8.27 -7.72 -1.67
C PRO A 289 -7.37 -7.50 -2.88
N ILE A 290 -7.90 -7.62 -4.10
CA ILE A 290 -7.14 -7.31 -5.30
C ILE A 290 -7.31 -5.85 -5.69
N VAL A 291 -8.55 -5.35 -5.65
CA VAL A 291 -8.81 -3.98 -6.08
C VAL A 291 -8.05 -2.99 -5.20
N THR A 292 -8.01 -3.24 -3.89
CA THR A 292 -7.38 -2.27 -2.99
C THR A 292 -5.91 -2.02 -3.35
N PRO A 293 -5.06 -3.05 -3.43
CA PRO A 293 -3.66 -2.78 -3.80
C PRO A 293 -3.49 -2.28 -5.21
N ALA A 294 -4.29 -2.78 -6.16
CA ALA A 294 -4.23 -2.27 -7.52
C ALA A 294 -4.53 -0.77 -7.55
N LEU A 295 -5.55 -0.34 -6.81
CA LEU A 295 -5.89 1.07 -6.77
C LEU A 295 -4.79 1.88 -6.11
N ARG A 296 -4.19 1.36 -5.03
CA ARG A 296 -3.08 2.09 -4.42
C ARG A 296 -1.92 2.24 -5.41
N ALA A 297 -1.64 1.19 -6.18
CA ALA A 297 -0.56 1.26 -7.15
C ALA A 297 -0.84 2.28 -8.24
N ILE A 298 -2.07 2.28 -8.77
CA ILE A 298 -2.43 3.25 -9.81
C ILE A 298 -2.34 4.67 -9.26
N GLY A 299 -2.79 4.88 -8.02
CA GLY A 299 -2.69 6.20 -7.43
C GLY A 299 -1.25 6.66 -7.28
N ASN A 300 -0.40 5.76 -6.76
CA ASN A 300 1.02 6.06 -6.67
C ASN A 300 1.59 6.44 -8.03
N ILE A 301 1.24 5.69 -9.07
CA ILE A 301 1.77 5.96 -10.40
C ILE A 301 1.34 7.35 -10.87
N VAL A 302 0.08 7.72 -10.62
CA VAL A 302 -0.38 9.03 -11.08
C VAL A 302 0.13 10.16 -10.18
N THR A 303 0.79 9.85 -9.07
CA THR A 303 1.51 10.91 -8.37
C THR A 303 2.80 11.33 -9.09
N GLY A 304 3.16 10.68 -10.19
CA GLY A 304 4.42 10.95 -10.87
C GLY A 304 4.32 12.02 -11.94
N THR A 305 5.00 11.80 -13.07
CA THR A 305 5.02 12.77 -14.15
C THR A 305 3.71 12.73 -14.93
N ASP A 306 3.56 13.69 -15.85
CA ASP A 306 2.38 13.72 -16.70
C ASP A 306 2.38 12.55 -17.68
N GLU A 307 3.56 12.08 -18.10
CA GLU A 307 3.61 10.96 -19.04
C GLU A 307 3.22 9.64 -18.37
N GLN A 308 3.65 9.42 -17.12
CA GLN A 308 3.23 8.22 -16.40
C GLN A 308 1.73 8.24 -16.13
N THR A 309 1.22 9.39 -15.69
CA THR A 309 -0.23 9.55 -15.54
C THR A 309 -0.95 9.27 -16.84
N GLN A 310 -0.38 9.72 -17.96
CA GLN A 310 -0.99 9.45 -19.25
C GLN A 310 -0.95 7.97 -19.59
N LYS A 311 0.08 7.26 -19.14
CA LYS A 311 0.07 5.81 -19.31
C LYS A 311 -1.09 5.18 -18.56
N VAL A 312 -1.39 5.69 -17.36
CA VAL A 312 -2.55 5.18 -16.62
C VAL A 312 -3.83 5.47 -17.39
N ILE A 313 -3.96 6.69 -17.93
CA ILE A 313 -5.18 7.04 -18.65
C ILE A 313 -5.33 6.23 -19.93
N ASP A 314 -4.22 6.02 -20.66
CA ASP A 314 -4.28 5.30 -21.93
C ASP A 314 -4.72 3.85 -21.73
N ALA A 315 -4.46 3.28 -20.56
CA ALA A 315 -4.82 1.90 -20.29
C ALA A 315 -6.29 1.72 -19.96
N GLY A 316 -7.08 2.79 -19.99
CA GLY A 316 -8.50 2.70 -19.73
C GLY A 316 -8.90 2.79 -18.27
N ALA A 317 -8.05 3.38 -17.41
CA ALA A 317 -8.33 3.38 -15.99
C ALA A 317 -9.58 4.20 -15.66
N LEU A 318 -9.77 5.33 -16.34
CA LEU A 318 -10.88 6.22 -16.00
C LEU A 318 -12.22 5.49 -16.09
N ALA A 319 -12.35 4.56 -17.03
CA ALA A 319 -13.61 3.85 -17.21
C ALA A 319 -14.03 3.07 -15.97
N VAL A 320 -13.10 2.78 -15.06
CA VAL A 320 -13.44 2.03 -13.85
C VAL A 320 -13.89 2.96 -12.72
N PHE A 321 -13.71 4.27 -12.84
CA PHE A 321 -13.91 5.13 -11.70
C PHE A 321 -15.37 5.44 -11.39
N PRO A 322 -16.30 5.29 -12.33
CA PRO A 322 -17.71 5.38 -11.92
C PRO A 322 -18.06 4.41 -10.81
N SER A 323 -17.54 3.18 -10.88
CA SER A 323 -17.77 2.22 -9.81
C SER A 323 -16.93 2.55 -8.58
N LEU A 324 -15.64 2.83 -8.78
CA LEU A 324 -14.76 3.10 -7.64
C LEU A 324 -15.24 4.28 -6.83
N LEU A 325 -15.68 5.36 -7.50
CA LEU A 325 -16.16 6.53 -6.79
C LEU A 325 -17.52 6.33 -6.15
N THR A 326 -18.18 5.20 -6.40
CA THR A 326 -19.43 4.85 -5.73
C THR A 326 -19.29 3.54 -4.95
N ASN A 327 -18.06 3.06 -4.77
CA ASN A 327 -17.86 1.77 -4.13
C ASN A 327 -18.37 1.80 -2.69
N PRO A 328 -19.08 0.76 -2.24
CA PRO A 328 -19.60 0.79 -0.86
C PRO A 328 -18.53 0.78 0.21
N LYS A 329 -17.30 0.37 -0.11
CA LYS A 329 -16.21 0.37 0.87
C LYS A 329 -15.57 1.76 0.89
N THR A 330 -15.60 2.40 2.07
CA THR A 330 -15.18 3.80 2.16
C THR A 330 -13.74 3.98 1.72
N ASN A 331 -12.87 3.02 2.05
CA ASN A 331 -11.45 3.19 1.72
C ASN A 331 -11.24 3.22 0.21
N ILE A 332 -12.00 2.41 -0.54
CA ILE A 332 -11.91 2.45 -2.00
C ILE A 332 -12.34 3.82 -2.52
N GLN A 333 -13.44 4.36 -1.99
CA GLN A 333 -13.88 5.68 -2.42
C GLN A 333 -12.82 6.74 -2.13
N LYS A 334 -12.23 6.70 -0.93
CA LYS A 334 -11.22 7.68 -0.57
C LYS A 334 -10.01 7.58 -1.49
N GLU A 335 -9.50 6.36 -1.70
CA GLU A 335 -8.32 6.18 -2.53
C GLU A 335 -8.61 6.56 -3.98
N ALA A 336 -9.80 6.24 -4.49
CA ALA A 336 -10.15 6.60 -5.86
C ALA A 336 -10.28 8.12 -6.00
N THR A 337 -10.85 8.79 -5.01
CA THR A 337 -10.98 10.24 -5.07
C THR A 337 -9.62 10.91 -4.99
N TRP A 338 -8.71 10.35 -4.18
CA TRP A 338 -7.34 10.87 -4.13
C TRP A 338 -6.63 10.68 -5.47
N THR A 339 -6.78 9.50 -6.08
CA THR A 339 -6.24 9.27 -7.41
C THR A 339 -6.80 10.28 -8.42
N MET A 340 -8.12 10.51 -8.37
CA MET A 340 -8.72 11.52 -9.25
C MET A 340 -8.14 12.90 -8.98
N SER A 341 -7.88 13.22 -7.71
CA SER A 341 -7.31 14.52 -7.39
C SER A 341 -5.94 14.68 -8.02
N ASN A 342 -5.16 13.60 -8.05
CA ASN A 342 -3.85 13.68 -8.69
C ASN A 342 -3.94 13.68 -10.21
N ILE A 343 -5.01 13.10 -10.77
CA ILE A 343 -5.17 13.16 -12.23
C ILE A 343 -5.64 14.55 -12.65
N THR A 344 -6.49 15.20 -11.86
CA THR A 344 -6.94 16.55 -12.20
C THR A 344 -5.84 17.58 -12.03
N ALA A 345 -4.75 17.24 -11.35
CA ALA A 345 -3.59 18.11 -11.24
C ALA A 345 -2.68 18.01 -12.45
N GLY A 346 -3.09 17.28 -13.49
CA GLY A 346 -2.29 17.09 -14.68
C GLY A 346 -2.57 18.11 -15.75
N ARG A 347 -2.34 17.71 -16.99
CA ARG A 347 -2.47 18.61 -18.12
C ARG A 347 -3.94 18.88 -18.42
N GLN A 348 -4.19 19.94 -19.21
CA GLN A 348 -5.55 20.28 -19.59
C GLN A 348 -6.18 19.19 -20.45
N ASP A 349 -5.39 18.50 -21.27
CA ASP A 349 -5.95 17.38 -22.03
C ASP A 349 -6.32 16.23 -21.10
N GLN A 350 -5.57 16.06 -20.01
CA GLN A 350 -5.91 15.00 -19.05
C GLN A 350 -7.17 15.37 -18.27
N ILE A 351 -7.30 16.63 -17.87
CA ILE A 351 -8.56 17.10 -17.30
C ILE A 351 -9.69 16.88 -18.29
N GLN A 352 -9.43 17.09 -19.58
CA GLN A 352 -10.48 16.91 -20.58
C GLN A 352 -10.87 15.46 -20.69
N GLN A 353 -9.92 14.54 -20.57
CA GLN A 353 -10.26 13.12 -20.57
C GLN A 353 -11.07 12.75 -19.34
N VAL A 354 -10.75 13.37 -18.19
CA VAL A 354 -11.61 13.21 -17.02
C VAL A 354 -13.03 13.65 -17.34
N VAL A 355 -13.17 14.77 -18.04
CA VAL A 355 -14.49 15.28 -18.41
C VAL A 355 -15.21 14.30 -19.32
N ASN A 356 -14.52 13.83 -20.37
CA ASN A 356 -15.15 13.00 -21.38
C ASN A 356 -15.68 11.69 -20.80
N HIS A 357 -15.00 11.14 -19.80
CA HIS A 357 -15.45 9.92 -19.15
C HIS A 357 -16.61 10.16 -18.19
N GLY A 358 -17.15 11.38 -18.15
CA GLY A 358 -18.29 11.66 -17.30
C GLY A 358 -18.02 11.57 -15.83
N LEU A 359 -16.81 11.90 -15.40
CA LEU A 359 -16.43 11.72 -13.99
C LEU A 359 -16.65 12.96 -13.15
N VAL A 360 -16.93 14.11 -13.75
CA VAL A 360 -17.17 15.34 -12.98
C VAL A 360 -18.45 15.17 -12.16
N PRO A 361 -19.53 14.63 -12.72
CA PRO A 361 -20.72 14.37 -11.89
C PRO A 361 -20.44 13.45 -10.72
N PHE A 362 -19.56 12.46 -10.88
CA PHE A 362 -19.21 11.59 -9.77
C PHE A 362 -18.41 12.34 -8.70
N LEU A 363 -17.57 13.29 -9.10
CA LEU A 363 -16.89 14.13 -8.13
C LEU A 363 -17.89 15.02 -7.39
N VAL A 364 -18.87 15.55 -8.10
CA VAL A 364 -19.93 16.32 -7.43
C VAL A 364 -20.66 15.44 -6.42
N GLY A 365 -20.93 14.19 -6.80
CA GLY A 365 -21.62 13.28 -5.90
C GLY A 365 -20.81 13.00 -4.64
N VAL A 366 -19.52 12.72 -4.80
CA VAL A 366 -18.68 12.46 -3.64
C VAL A 366 -18.57 13.70 -2.77
N LEU A 367 -18.51 14.88 -3.39
CA LEU A 367 -18.49 16.13 -2.62
C LEU A 367 -19.79 16.32 -1.86
N SER A 368 -20.92 15.87 -2.43
CA SER A 368 -22.21 16.09 -1.81
C SER A 368 -22.44 15.15 -0.61
N LYS A 369 -22.03 13.89 -0.73
CA LYS A 369 -22.26 12.92 0.33
C LYS A 369 -21.17 11.87 0.28
N ALA A 370 -20.44 11.73 1.39
CA ALA A 370 -19.36 10.76 1.51
C ALA A 370 -18.72 10.96 2.88
N ASP A 371 -17.85 10.02 3.25
CA ASP A 371 -17.05 10.18 4.46
C ASP A 371 -16.19 11.45 4.32
N PHE A 372 -15.97 12.13 5.44
CA PHE A 372 -15.33 13.44 5.38
C PHE A 372 -13.95 13.37 4.75
N LYS A 373 -13.20 12.29 5.01
CA LYS A 373 -11.90 12.15 4.38
C LYS A 373 -12.03 12.10 2.86
N THR A 374 -13.03 11.36 2.37
CA THR A 374 -13.27 11.29 0.94
C THR A 374 -13.71 12.66 0.40
N GLN A 375 -14.55 13.37 1.16
CA GLN A 375 -14.95 14.71 0.73
C GLN A 375 -13.76 15.66 0.67
N LYS A 376 -12.79 15.49 1.57
CA LYS A 376 -11.59 16.32 1.55
C LYS A 376 -10.75 16.02 0.32
N GLU A 377 -10.61 14.73 0.00
CA GLU A 377 -9.93 14.39 -1.26
C GLU A 377 -10.66 14.97 -2.46
N ALA A 378 -12.00 14.98 -2.42
CA ALA A 378 -12.75 15.54 -3.54
C ALA A 378 -12.55 17.05 -3.64
N ALA A 379 -12.48 17.74 -2.51
CA ALA A 379 -12.18 19.16 -2.52
C ALA A 379 -10.81 19.42 -3.13
N TRP A 380 -9.81 18.60 -2.77
CA TRP A 380 -8.51 18.71 -3.40
C TRP A 380 -8.61 18.54 -4.91
N ALA A 381 -9.37 17.53 -5.35
CA ALA A 381 -9.53 17.29 -6.78
C ALA A 381 -10.15 18.50 -7.48
N ILE A 382 -11.16 19.10 -6.85
CA ILE A 382 -11.80 20.26 -7.46
C ILE A 382 -10.84 21.44 -7.54
N THR A 383 -10.05 21.66 -6.48
CA THR A 383 -9.12 22.79 -6.52
C THR A 383 -8.06 22.59 -7.59
N ASN A 384 -7.53 21.36 -7.73
CA ASN A 384 -6.56 21.10 -8.78
C ASN A 384 -7.19 21.30 -10.16
N TYR A 385 -8.41 20.77 -10.34
CA TYR A 385 -9.14 20.98 -11.59
C TYR A 385 -9.23 22.46 -11.94
N THR A 386 -9.66 23.28 -10.98
CA THR A 386 -9.83 24.70 -11.26
C THR A 386 -8.49 25.41 -11.45
N SER A 387 -7.42 24.90 -10.84
CA SER A 387 -6.11 25.52 -11.02
C SER A 387 -5.56 25.24 -12.41
N GLY A 388 -5.74 24.04 -12.92
CA GLY A 388 -5.15 23.67 -14.20
C GLY A 388 -6.08 23.75 -15.39
N GLY A 389 -7.38 23.87 -15.15
CA GLY A 389 -8.35 23.75 -16.22
C GLY A 389 -8.52 25.02 -17.04
N THR A 390 -9.10 24.85 -18.21
CA THR A 390 -9.49 25.97 -19.06
C THR A 390 -10.74 26.63 -18.50
N VAL A 391 -11.07 27.81 -19.04
CA VAL A 391 -12.30 28.48 -18.64
C VAL A 391 -13.51 27.62 -18.99
N GLU A 392 -13.47 26.96 -20.16
CA GLU A 392 -14.58 26.12 -20.56
C GLU A 392 -14.76 24.94 -19.59
N GLN A 393 -13.65 24.31 -19.20
CA GLN A 393 -13.72 23.21 -18.25
C GLN A 393 -14.26 23.67 -16.90
N ILE A 394 -13.91 24.89 -16.49
CA ILE A 394 -14.37 25.40 -15.20
C ILE A 394 -15.87 25.71 -15.24
N VAL A 395 -16.33 26.32 -16.33
CA VAL A 395 -17.77 26.59 -16.42
C VAL A 395 -18.55 25.28 -16.53
N TYR A 396 -17.98 24.27 -17.18
CA TYR A 396 -18.61 22.96 -17.18
C TYR A 396 -18.71 22.41 -15.76
N LEU A 397 -17.63 22.56 -14.99
CA LEU A 397 -17.66 22.14 -13.59
C LEU A 397 -18.79 22.82 -12.84
N VAL A 398 -18.97 24.12 -13.05
CA VAL A 398 -20.05 24.84 -12.37
C VAL A 398 -21.42 24.33 -12.85
N HIS A 399 -21.54 24.06 -14.15
CA HIS A 399 -22.80 23.57 -14.70
C HIS A 399 -23.19 22.21 -14.13
N CYS A 400 -22.22 21.43 -13.64
CA CYS A 400 -22.53 20.13 -13.07
C CYS A 400 -23.01 20.21 -11.62
N GLY A 401 -23.01 21.39 -11.02
CA GLY A 401 -23.52 21.58 -9.69
C GLY A 401 -22.50 21.53 -8.58
N ILE A 402 -21.28 22.02 -8.82
CA ILE A 402 -20.24 21.92 -7.80
C ILE A 402 -20.43 22.95 -6.69
N ILE A 403 -21.07 24.08 -7.01
CA ILE A 403 -21.05 25.23 -6.08
C ILE A 403 -21.76 24.87 -4.78
N GLU A 404 -22.94 24.27 -4.86
CA GLU A 404 -23.71 24.01 -3.64
C GLU A 404 -22.98 23.06 -2.70
N PRO A 405 -22.52 21.88 -3.13
CA PRO A 405 -21.75 21.02 -2.21
C PRO A 405 -20.47 21.68 -1.73
N LEU A 406 -19.79 22.42 -2.61
CA LEU A 406 -18.55 23.08 -2.21
C LEU A 406 -18.81 24.10 -1.11
N MET A 407 -19.93 24.82 -1.20
CA MET A 407 -20.28 25.77 -0.14
C MET A 407 -20.70 25.06 1.13
N ASN A 408 -21.48 23.97 0.99
CA ASN A 408 -21.90 23.23 2.17
C ASN A 408 -20.69 22.68 2.93
N LEU A 409 -19.60 22.42 2.23
CA LEU A 409 -18.40 21.92 2.90
C LEU A 409 -17.64 23.01 3.67
N LEU A 410 -17.92 24.28 3.40
CA LEU A 410 -17.28 25.35 4.16
C LEU A 410 -17.71 25.37 5.63
N SER A 411 -18.70 24.57 6.00
CA SER A 411 -19.16 24.48 7.38
C SER A 411 -18.25 23.59 8.23
N ALA A 412 -17.24 22.96 7.65
CA ALA A 412 -16.41 22.01 8.36
C ALA A 412 -15.48 22.74 9.34
N LYS A 413 -14.87 21.96 10.22
CA LYS A 413 -13.93 22.49 11.21
C LYS A 413 -12.49 22.48 10.72
N ASP A 414 -12.14 21.53 9.84
CA ASP A 414 -10.79 21.47 9.31
C ASP A 414 -10.45 22.76 8.57
N THR A 415 -9.32 23.37 8.93
CA THR A 415 -8.93 24.63 8.30
C THR A 415 -8.47 24.39 6.86
N LYS A 416 -7.67 23.35 6.63
CA LYS A 416 -7.05 23.16 5.32
C LYS A 416 -8.10 22.94 4.24
N ILE A 417 -9.16 22.20 4.54
CA ILE A 417 -10.20 22.00 3.54
C ILE A 417 -10.89 23.32 3.23
N ILE A 418 -11.05 24.18 4.24
CA ILE A 418 -11.62 25.50 4.02
C ILE A 418 -10.73 26.31 3.07
N GLN A 419 -9.41 26.27 3.32
CA GLN A 419 -8.50 27.00 2.44
C GLN A 419 -8.56 26.46 1.02
N VAL A 420 -8.63 25.13 0.87
CA VAL A 420 -8.71 24.53 -0.45
C VAL A 420 -9.98 24.96 -1.16
N ILE A 421 -11.10 24.95 -0.45
CA ILE A 421 -12.37 25.35 -1.06
C ILE A 421 -12.33 26.82 -1.46
N LEU A 422 -11.73 27.68 -0.63
CA LEU A 422 -11.66 29.09 -0.96
C LEU A 422 -10.76 29.33 -2.17
N ASP A 423 -9.67 28.56 -2.29
CA ASP A 423 -8.82 28.67 -3.47
C ASP A 423 -9.58 28.25 -4.73
N ALA A 424 -10.35 27.16 -4.63
CA ALA A 424 -11.15 26.72 -5.78
C ALA A 424 -12.17 27.77 -6.16
N ILE A 425 -12.81 28.38 -5.16
CA ILE A 425 -13.81 29.41 -5.44
C ILE A 425 -13.14 30.62 -6.08
N SER A 426 -11.94 30.97 -5.63
CA SER A 426 -11.22 32.07 -6.27
C SER A 426 -10.91 31.76 -7.73
N ASN A 427 -10.47 30.54 -8.01
CA ASN A 427 -10.19 30.17 -9.40
C ASN A 427 -11.45 30.23 -10.26
N ILE A 428 -12.57 29.73 -9.73
CA ILE A 428 -13.82 29.78 -10.48
C ILE A 428 -14.24 31.22 -10.71
N PHE A 429 -13.99 32.10 -9.74
CA PHE A 429 -14.30 33.51 -9.90
C PHE A 429 -13.41 34.16 -10.95
N GLN A 430 -12.14 33.77 -11.01
CA GLN A 430 -11.27 34.28 -12.07
C GLN A 430 -11.79 33.86 -13.44
N ALA A 431 -12.19 32.59 -13.57
CA ALA A 431 -12.78 32.13 -14.81
C ALA A 431 -14.01 32.96 -15.17
N ALA A 432 -14.88 33.20 -14.19
CA ALA A 432 -16.08 34.00 -14.44
C ALA A 432 -15.74 35.45 -14.76
N GLU A 433 -14.59 35.94 -14.28
CA GLU A 433 -14.14 37.28 -14.65
C GLU A 433 -13.74 37.32 -16.11
N LYS A 434 -12.99 36.32 -16.57
CA LYS A 434 -12.61 36.28 -17.98
C LYS A 434 -13.82 36.16 -18.90
N LEU A 435 -14.97 35.73 -18.38
CA LEU A 435 -16.20 35.68 -19.13
C LEU A 435 -17.15 36.83 -18.77
N GLY A 436 -16.80 37.67 -17.82
CA GLY A 436 -17.67 38.75 -17.41
C GLY A 436 -18.97 38.29 -16.82
N GLU A 437 -18.99 37.12 -16.18
CA GLU A 437 -20.19 36.54 -15.60
C GLU A 437 -20.03 36.35 -14.10
N THR A 438 -19.27 37.24 -13.46
CA THR A 438 -19.05 37.12 -12.02
C THR A 438 -20.33 37.32 -11.24
N GLU A 439 -21.26 38.13 -11.75
CA GLU A 439 -22.48 38.40 -10.98
C GLU A 439 -23.38 37.17 -10.93
N LYS A 440 -23.45 36.41 -12.02
CA LYS A 440 -24.23 35.17 -12.00
C LYS A 440 -23.67 34.21 -10.96
N LEU A 441 -22.34 34.08 -10.90
CA LEU A 441 -21.72 33.20 -9.91
C LEU A 441 -21.94 33.72 -8.49
N SER A 442 -21.87 35.04 -8.30
CA SER A 442 -22.12 35.60 -6.98
C SER A 442 -23.55 35.36 -6.54
N ILE A 443 -24.50 35.48 -7.47
CA ILE A 443 -25.90 35.17 -7.16
C ILE A 443 -26.06 33.69 -6.83
N MET A 444 -25.34 32.84 -7.56
CA MET A 444 -25.43 31.39 -7.31
C MET A 444 -24.89 31.06 -5.92
N ILE A 445 -23.82 31.73 -5.50
CA ILE A 445 -23.24 31.48 -4.18
C ILE A 445 -24.13 32.06 -3.08
N GLU A 446 -24.72 33.23 -3.33
CA GLU A 446 -25.57 33.87 -2.32
C GLU A 446 -26.86 33.08 -2.12
N GLU A 447 -27.50 32.65 -3.21
CA GLU A 447 -28.70 31.85 -3.08
C GLU A 447 -28.42 30.55 -2.33
N CYS A 448 -27.23 29.99 -2.50
CA CYS A 448 -26.87 28.76 -1.82
C CYS A 448 -26.64 28.97 -0.33
N GLY A 449 -26.38 30.20 0.10
CA GLY A 449 -25.98 30.46 1.47
C GLY A 449 -24.49 30.44 1.70
N GLY A 450 -23.68 30.48 0.64
CA GLY A 450 -22.25 30.47 0.80
C GLY A 450 -21.67 31.80 1.21
N LEU A 451 -22.32 32.90 0.83
CA LEU A 451 -21.84 34.21 1.25
C LEU A 451 -21.85 34.34 2.77
N ASP A 452 -22.86 33.77 3.42
CA ASP A 452 -22.88 33.75 4.88
C ASP A 452 -21.67 33.02 5.43
N LYS A 453 -21.37 31.85 4.87
CA LYS A 453 -20.22 31.08 5.34
C LYS A 453 -18.91 31.83 5.13
N ILE A 454 -18.79 32.55 4.01
CA ILE A 454 -17.56 33.27 3.73
C ILE A 454 -17.40 34.47 4.66
N GLU A 455 -18.48 35.24 4.85
CA GLU A 455 -18.39 36.38 5.76
C GLU A 455 -18.21 35.92 7.20
N ALA A 456 -18.62 34.70 7.53
CA ALA A 456 -18.32 34.16 8.85
C ALA A 456 -16.86 33.74 8.95
N LEU A 457 -16.33 33.09 7.91
CA LEU A 457 -14.93 32.72 7.88
C LEU A 457 -14.02 33.94 7.94
N GLN A 458 -14.51 35.11 7.53
CA GLN A 458 -13.76 36.34 7.73
C GLN A 458 -13.23 36.43 9.16
N ARG A 459 -13.95 35.84 10.12
CA ARG A 459 -13.57 35.86 11.52
C ARG A 459 -12.89 34.57 11.96
N HIS A 460 -12.29 33.83 11.03
CA HIS A 460 -11.65 32.57 11.35
C HIS A 460 -10.31 32.81 12.03
N GLU A 461 -9.88 31.82 12.83
CA GLU A 461 -8.64 31.96 13.59
C GLU A 461 -7.43 31.96 12.66
N ASN A 462 -7.47 31.19 11.58
CA ASN A 462 -6.32 31.11 10.69
C ASN A 462 -6.20 32.38 9.85
N GLU A 463 -4.96 32.80 9.59
CA GLU A 463 -4.72 34.01 8.84
C GLU A 463 -5.11 33.85 7.37
N SER A 464 -4.76 32.72 6.77
CA SER A 464 -5.03 32.52 5.35
C SER A 464 -6.52 32.50 5.06
N VAL A 465 -7.30 31.81 5.90
CA VAL A 465 -8.75 31.79 5.71
C VAL A 465 -9.31 33.21 5.83
N TYR A 466 -8.92 33.92 6.89
CA TYR A 466 -9.29 35.32 7.07
C TYR A 466 -9.07 36.13 5.80
N LYS A 467 -7.83 36.11 5.31
CA LYS A 467 -7.47 36.97 4.19
C LYS A 467 -8.16 36.54 2.90
N ALA A 468 -8.29 35.23 2.67
CA ALA A 468 -8.94 34.77 1.45
C ALA A 468 -10.42 35.13 1.43
N SER A 469 -11.11 34.93 2.56
CA SER A 469 -12.52 35.31 2.64
C SER A 469 -12.69 36.80 2.44
N LEU A 470 -11.83 37.61 3.07
CA LEU A 470 -11.94 39.05 2.91
C LEU A 470 -11.66 39.47 1.47
N ASN A 471 -10.69 38.83 0.82
CA ASN A 471 -10.41 39.14 -0.58
C ASN A 471 -11.61 38.81 -1.45
N LEU A 472 -12.21 37.63 -1.26
CA LEU A 472 -13.38 37.26 -2.04
C LEU A 472 -14.51 38.27 -1.84
N ILE A 473 -14.79 38.63 -0.60
CA ILE A 473 -15.91 39.52 -0.32
C ILE A 473 -15.62 40.93 -0.83
N GLU A 474 -14.37 41.36 -0.82
CA GLU A 474 -14.03 42.69 -1.30
C GLU A 474 -14.01 42.76 -2.83
N LYS A 475 -13.69 41.67 -3.49
CA LYS A 475 -13.52 41.68 -4.93
C LYS A 475 -14.78 41.28 -5.69
N TYR A 476 -15.65 40.48 -5.09
CA TYR A 476 -16.84 39.99 -5.79
C TYR A 476 -18.14 40.19 -5.04
N PHE A 477 -18.10 40.56 -3.76
CA PHE A 477 -19.33 40.82 -3.01
C PHE A 477 -19.27 42.20 -2.36
N ALA B 3 -1.24 23.66 -8.97
CA ALA B 3 -1.71 22.28 -8.92
C ALA B 3 -0.54 21.31 -8.85
N ARG B 4 -0.20 20.90 -7.63
CA ARG B 4 0.88 19.96 -7.38
C ARG B 4 0.29 18.60 -7.00
N LYS B 5 1.05 17.54 -7.29
CA LYS B 5 0.63 16.19 -6.95
C LYS B 5 0.89 15.92 -5.49
N ARG B 6 -0.04 15.21 -4.85
CA ARG B 6 0.00 14.92 -3.42
C ARG B 6 0.22 13.43 -3.22
N SER B 7 1.30 13.07 -2.55
CA SER B 7 1.65 11.67 -2.35
C SER B 7 0.82 11.08 -1.20
N ALA B 8 0.89 9.75 -1.08
CA ALA B 8 0.08 9.05 -0.10
C ALA B 8 0.57 9.32 1.32
N SER B 9 -0.35 9.22 2.27
CA SER B 9 -0.01 9.39 3.67
C SER B 9 0.74 8.16 4.18
N PRO B 10 1.60 8.33 5.18
CA PRO B 10 2.42 7.20 5.63
C PRO B 10 1.58 6.07 6.19
N THR B 11 1.96 4.85 5.84
CA THR B 11 1.31 3.68 6.41
C THR B 11 1.64 3.58 7.89
N LYS B 12 0.63 3.27 8.70
CA LYS B 12 0.83 3.12 10.13
C LYS B 12 1.20 1.70 10.52
N LYS B 13 1.00 0.73 9.63
CA LYS B 13 1.47 -0.64 9.85
C LYS B 13 2.93 -0.71 9.40
N LEU B 14 3.84 -0.71 10.37
CA LEU B 14 5.27 -0.66 10.05
C LEU B 14 5.92 -2.03 9.95
N ARG B 15 5.26 -3.08 10.44
CA ARG B 15 5.81 -4.43 10.40
C ARG B 15 4.75 -5.39 9.89
N TYR B 16 5.09 -6.17 8.86
CA TYR B 16 4.19 -7.17 8.27
C TYR B 16 4.81 -8.54 8.49
N VAL B 17 4.25 -9.31 9.42
CA VAL B 17 4.75 -10.64 9.76
C VAL B 17 3.58 -11.60 9.93
N LYS B 18 3.88 -12.88 9.80
CA LYS B 18 2.86 -13.94 9.86
C LYS B 18 3.34 -15.08 10.73
N ARG B 19 2.48 -15.55 11.62
CA ARG B 19 2.74 -16.73 12.43
C ARG B 19 2.09 -17.93 11.76
N ARG B 20 2.80 -19.06 11.77
CA ARG B 20 2.25 -20.30 11.22
C ARG B 20 1.55 -21.08 12.33
N PHE B 21 0.25 -21.27 12.17
CA PHE B 21 -0.55 -21.99 13.16
C PHE B 21 -0.71 -23.46 12.77
#